data_7NY8
#
_entry.id   7NY8
#
_cell.length_a   39.008
_cell.length_b   168.775
_cell.length_c   39.653
_cell.angle_alpha   90.000
_cell.angle_beta   92.700
_cell.angle_gamma   90.000
#
_symmetry.space_group_name_H-M   'P 1 21 1'
#
loop_
_entity.id
_entity.type
_entity.pdbx_description
1 polymer 'GTPase KRas'
2 polymer 'Affimer K69'
3 non-polymer "GUANOSINE-5'-DIPHOSPHATE"
4 non-polymer 'MAGNESIUM ION'
5 water water
#
loop_
_entity_poly.entity_id
_entity_poly.type
_entity_poly.pdbx_seq_one_letter_code
_entity_poly.pdbx_strand_id
1 'polypeptide(L)'
;GSHMTEYKLVVVGAGGVGKSALTIQLIQNHFVDEYDPTIEDSYRKQVVIDGETCLLDILDTAGQEEYSAMRDQYMRTGEG
FLCVFAINNTKSFEDIHHYREQIKRVKDSEDVPMVLVGNKCDLPSRTVDTKQAQDLARSYGIPFIETSAKTRQGVDDAFY
TLVREIRKHK
;
A,B
2 'polypeptide(L)'
;MASNSLEIEELARFAVDEHNKKENALLEFVRVVKAKEQWHFDYQQYNTMYYLTLEAKDGGKKKLYEAKVWVKRQLRMGSM
NNFKELQEFKPVGDAAAAHHHHHHHH
;
C,D
#
# COMPACT_ATOMS: atom_id res chain seq x y z
N HIS A 3 -9.49 12.63 -29.31
CA HIS A 3 -9.38 14.06 -28.86
C HIS A 3 -8.05 14.32 -28.13
N MET A 4 -6.98 13.60 -28.48
CA MET A 4 -5.71 13.58 -27.71
C MET A 4 -4.90 14.84 -28.01
N THR A 5 -4.27 15.41 -26.98
CA THR A 5 -3.27 16.46 -27.16
C THR A 5 -1.94 15.76 -27.45
N GLU A 6 -1.34 16.06 -28.60
CA GLU A 6 -0.02 15.49 -28.97
C GLU A 6 1.07 16.33 -28.33
N TYR A 7 2.07 15.68 -27.74
CA TYR A 7 3.31 16.32 -27.25
C TYR A 7 4.49 15.58 -27.87
N LYS A 8 5.33 16.32 -28.60
CA LYS A 8 6.51 15.75 -29.28
C LYS A 8 7.72 15.89 -28.35
N LEU A 9 8.25 14.78 -27.88
CA LEU A 9 9.33 14.75 -26.86
C LEU A 9 10.57 14.12 -27.48
N VAL A 10 11.74 14.57 -27.05
CA VAL A 10 13.03 14.03 -27.55
C VAL A 10 13.93 13.75 -26.35
N VAL A 11 14.54 12.57 -26.32
CA VAL A 11 15.45 12.12 -25.23
C VAL A 11 16.87 12.19 -25.79
N VAL A 12 17.72 12.99 -25.15
CA VAL A 12 19.11 13.27 -25.62
C VAL A 12 20.05 13.06 -24.43
N GLY A 13 21.34 12.93 -24.72
CA GLY A 13 22.35 12.62 -23.71
C GLY A 13 23.40 11.70 -24.27
N ALA A 14 24.54 11.62 -23.60
CA ALA A 14 25.69 10.78 -24.00
C ALA A 14 25.26 9.32 -24.13
N GLY A 15 25.95 8.58 -25.00
CA GLY A 15 25.86 7.10 -25.05
C GLY A 15 26.01 6.51 -23.67
N GLY A 16 25.10 5.62 -23.27
CA GLY A 16 25.26 4.81 -22.05
C GLY A 16 24.57 5.39 -20.82
N VAL A 17 23.93 6.57 -20.91
CA VAL A 17 23.32 7.22 -19.71
C VAL A 17 21.99 6.54 -19.35
N GLY A 18 21.31 5.89 -20.30
CA GLY A 18 20.02 5.20 -20.04
C GLY A 18 18.84 5.80 -20.80
N LYS A 19 19.08 6.51 -21.90
CA LYS A 19 17.98 7.09 -22.71
C LYS A 19 16.99 5.99 -23.12
N SER A 20 17.49 4.87 -23.63
CA SER A 20 16.65 3.77 -24.17
C SER A 20 15.91 3.10 -23.02
N ALA A 21 16.62 2.80 -21.93
CA ALA A 21 16.01 2.16 -20.74
C ALA A 21 14.89 3.06 -20.18
N LEU A 22 15.11 4.36 -20.07
CA LEU A 22 14.09 5.30 -19.53
C LEU A 22 12.87 5.29 -20.46
N THR A 23 13.10 5.37 -21.76
CA THR A 23 12.01 5.49 -22.77
C THR A 23 11.20 4.20 -22.72
N ILE A 24 11.87 3.05 -22.73
CA ILE A 24 11.22 1.71 -22.76
C ILE A 24 10.49 1.44 -21.43
N GLN A 25 10.97 1.95 -20.30
CA GLN A 25 10.20 1.86 -19.02
C GLN A 25 8.85 2.56 -19.20
N LEU A 26 8.86 3.76 -19.77
CA LEU A 26 7.59 4.51 -19.99
C LEU A 26 6.69 3.74 -20.96
N ILE A 27 7.22 3.16 -22.03
CA ILE A 27 6.38 2.54 -23.11
C ILE A 27 5.92 1.14 -22.66
N GLN A 28 6.84 0.29 -22.21
CA GLN A 28 6.63 -1.17 -22.01
C GLN A 28 6.62 -1.54 -20.52
N ASN A 29 6.88 -0.59 -19.61
CA ASN A 29 6.73 -0.77 -18.15
C ASN A 29 7.64 -1.89 -17.65
N HIS A 30 8.82 -2.04 -18.23
CA HIS A 30 9.88 -2.92 -17.68
C HIS A 30 11.27 -2.42 -18.14
N PHE A 31 12.28 -2.88 -17.43
CA PHE A 31 13.70 -2.50 -17.61
C PHE A 31 14.28 -3.37 -18.72
N VAL A 32 14.65 -2.75 -19.83
CA VAL A 32 15.36 -3.43 -20.94
C VAL A 32 16.80 -2.92 -20.86
N ASP A 33 17.72 -3.79 -20.44
CA ASP A 33 19.06 -3.38 -19.95
C ASP A 33 20.12 -3.56 -21.05
N GLU A 34 19.73 -4.03 -22.25
CA GLU A 34 20.67 -4.23 -23.38
C GLU A 34 19.96 -3.95 -24.69
N TYR A 35 19.67 -2.69 -24.93
CA TYR A 35 19.09 -2.17 -26.18
C TYR A 35 20.24 -1.60 -27.00
N ASP A 36 20.34 -2.00 -28.27
CA ASP A 36 21.49 -1.64 -29.13
C ASP A 36 21.77 -0.16 -28.96
N PRO A 37 23.00 0.25 -28.54
CA PRO A 37 23.29 1.66 -28.28
C PRO A 37 23.27 2.55 -29.52
N THR A 38 23.24 1.96 -30.73
CA THR A 38 23.29 2.69 -32.02
C THR A 38 21.88 2.93 -32.59
N ILE A 39 20.84 2.29 -32.04
CA ILE A 39 19.47 2.28 -32.64
C ILE A 39 18.68 3.47 -32.09
N GLU A 40 18.12 4.29 -32.98
CA GLU A 40 17.12 5.31 -32.60
C GLU A 40 15.75 4.77 -32.99
N ASP A 41 14.74 5.06 -32.17
CA ASP A 41 13.34 4.66 -32.49
C ASP A 41 12.41 5.71 -31.88
N SER A 42 11.23 5.87 -32.48
CA SER A 42 10.17 6.74 -31.93
C SER A 42 9.05 5.85 -31.41
N TYR A 43 8.29 6.38 -30.46
CA TYR A 43 7.16 5.68 -29.80
C TYR A 43 5.98 6.64 -29.66
N ARG A 44 4.78 6.08 -29.68
CA ARG A 44 3.50 6.80 -29.47
C ARG A 44 2.88 6.18 -28.21
N LYS A 45 2.85 6.95 -27.14
CA LYS A 45 2.33 6.54 -25.82
C LYS A 45 1.07 7.35 -25.53
N GLN A 46 -0.08 6.68 -25.42
CA GLN A 46 -1.33 7.31 -24.96
C GLN A 46 -1.32 7.28 -23.44
N VAL A 47 -1.37 8.45 -22.80
CA VAL A 47 -1.33 8.56 -21.32
C VAL A 47 -2.20 9.74 -20.90
N VAL A 48 -2.93 9.60 -19.81
CA VAL A 48 -3.72 10.71 -19.20
C VAL A 48 -2.83 11.40 -18.18
N ILE A 49 -2.59 12.70 -18.36
CA ILE A 49 -1.76 13.54 -17.45
C ILE A 49 -2.64 14.70 -16.99
N ASP A 50 -2.94 14.74 -15.69
CA ASP A 50 -3.72 15.82 -15.05
C ASP A 50 -5.10 15.92 -15.73
N GLY A 51 -5.68 14.78 -16.15
CA GLY A 51 -7.00 14.72 -16.80
C GLY A 51 -6.94 14.92 -18.31
N GLU A 52 -5.79 15.32 -18.86
CA GLU A 52 -5.63 15.52 -20.33
C GLU A 52 -5.24 14.17 -20.95
N THR A 53 -6.03 13.68 -21.92
CA THR A 53 -5.65 12.50 -22.73
C THR A 53 -4.53 12.97 -23.67
N CYS A 54 -3.31 12.47 -23.46
CA CYS A 54 -2.11 12.89 -24.23
C CYS A 54 -1.66 11.75 -25.15
N LEU A 55 -1.08 12.13 -26.29
CA LEU A 55 -0.29 11.23 -27.14
C LEU A 55 1.14 11.74 -27.11
N LEU A 56 2.01 11.04 -26.39
CA LEU A 56 3.45 11.39 -26.35
C LEU A 56 4.11 10.73 -27.57
N ASP A 57 4.63 11.56 -28.46
CA ASP A 57 5.40 11.16 -29.65
C ASP A 57 6.88 11.33 -29.27
N ILE A 58 7.55 10.24 -28.90
CA ILE A 58 8.88 10.30 -28.22
C ILE A 58 9.96 9.72 -29.15
N LEU A 59 11.01 10.50 -29.40
CA LEU A 59 12.23 9.99 -30.08
C LEU A 59 13.29 9.69 -29.01
N ASP A 60 13.71 8.45 -28.98
CA ASP A 60 14.90 7.95 -28.24
C ASP A 60 16.08 8.08 -29.21
N THR A 61 16.91 9.11 -29.05
CA THR A 61 18.08 9.38 -29.94
C THR A 61 19.23 8.44 -29.57
N ALA A 62 20.07 8.07 -30.55
CA ALA A 62 21.22 7.17 -30.34
C ALA A 62 22.54 7.92 -30.53
N GLY A 63 22.49 9.22 -30.77
CA GLY A 63 23.67 10.01 -31.18
C GLY A 63 23.25 11.24 -31.95
N GLN A 64 24.18 12.19 -32.13
CA GLN A 64 23.90 13.49 -32.77
C GLN A 64 24.88 13.73 -33.94
N GLU A 65 25.63 12.72 -34.39
CA GLU A 65 26.67 12.91 -35.44
C GLU A 65 26.26 12.19 -36.72
N GLU A 66 25.90 10.90 -36.65
CA GLU A 66 25.44 10.11 -37.84
C GLU A 66 24.19 10.79 -38.42
N TYR A 67 24.10 10.85 -39.75
CA TYR A 67 22.94 11.43 -40.45
C TYR A 67 21.68 10.67 -40.05
N SER A 68 20.62 11.42 -39.73
CA SER A 68 19.25 10.92 -39.49
C SER A 68 18.25 12.01 -39.86
N ALA A 69 17.49 11.84 -40.94
CA ALA A 69 16.36 12.74 -41.29
C ALA A 69 15.39 12.79 -40.11
N MET A 70 15.08 11.65 -39.50
CA MET A 70 14.07 11.56 -38.41
C MET A 70 14.58 12.36 -37.19
N ARG A 71 15.83 12.18 -36.79
CA ARG A 71 16.38 12.91 -35.63
C ARG A 71 16.37 14.41 -35.92
N ASP A 72 16.80 14.84 -37.11
CA ASP A 72 16.81 16.29 -37.48
C ASP A 72 15.40 16.85 -37.36
N GLN A 73 14.39 16.09 -37.82
CA GLN A 73 12.97 16.54 -37.83
C GLN A 73 12.51 16.72 -36.39
N TYR A 74 12.77 15.72 -35.53
CA TYR A 74 12.38 15.76 -34.09
C TYR A 74 13.16 16.87 -33.35
N MET A 75 14.41 17.11 -33.69
CA MET A 75 15.24 18.13 -33.00
C MET A 75 14.68 19.51 -33.35
N ARG A 76 14.26 19.71 -34.60
CA ARG A 76 13.78 21.01 -35.12
C ARG A 76 12.37 21.30 -34.59
N THR A 77 11.49 20.29 -34.57
CA THR A 77 10.03 20.48 -34.29
C THR A 77 9.67 19.92 -32.91
N GLY A 78 10.62 19.31 -32.20
CA GLY A 78 10.38 18.77 -30.85
C GLY A 78 9.92 19.87 -29.91
N GLU A 79 8.96 19.57 -29.04
CA GLU A 79 8.37 20.59 -28.14
C GLU A 79 9.10 20.60 -26.80
N GLY A 80 9.67 19.46 -26.41
CA GLY A 80 10.34 19.31 -25.11
C GLY A 80 11.42 18.24 -25.16
N PHE A 81 12.46 18.41 -24.35
CA PHE A 81 13.68 17.57 -24.38
C PHE A 81 13.99 17.06 -22.98
N LEU A 82 14.21 15.74 -22.83
CA LEU A 82 14.90 15.18 -21.63
C LEU A 82 16.40 15.18 -21.94
N CYS A 83 17.19 15.88 -21.13
CA CYS A 83 18.66 15.93 -21.25
C CYS A 83 19.22 15.04 -20.14
N VAL A 84 19.68 13.84 -20.50
CA VAL A 84 19.96 12.75 -19.53
C VAL A 84 21.47 12.63 -19.35
N PHE A 85 21.92 12.60 -18.10
CA PHE A 85 23.28 12.17 -17.70
C PHE A 85 23.13 11.00 -16.72
N ALA A 86 24.24 10.34 -16.40
CA ALA A 86 24.27 9.28 -15.38
C ALA A 86 25.05 9.80 -14.16
N ILE A 87 24.50 9.58 -12.96
CA ILE A 87 25.04 10.20 -11.71
C ILE A 87 26.40 9.60 -11.38
N ASN A 88 26.81 8.51 -12.03
CA ASN A 88 28.13 7.86 -11.82
C ASN A 88 29.10 8.18 -12.98
N ASN A 89 28.75 9.10 -13.90
CA ASN A 89 29.53 9.40 -15.13
C ASN A 89 29.67 10.92 -15.25
N THR A 90 30.75 11.46 -14.67
CA THR A 90 31.03 12.92 -14.67
C THR A 90 31.06 13.45 -16.11
N LYS A 91 31.66 12.71 -17.04
CA LYS A 91 31.77 13.15 -18.46
C LYS A 91 30.37 13.35 -19.04
N SER A 92 29.42 12.47 -18.74
CA SER A 92 28.03 12.56 -19.26
C SER A 92 27.38 13.85 -18.73
N PHE A 93 27.70 14.26 -17.51
CA PHE A 93 27.17 15.48 -16.86
C PHE A 93 27.81 16.72 -17.51
N GLU A 94 29.12 16.68 -17.74
CA GLU A 94 29.88 17.77 -18.42
C GLU A 94 29.36 17.94 -19.87
N ASP A 95 28.86 16.87 -20.47
CA ASP A 95 28.34 16.88 -21.87
C ASP A 95 27.01 17.62 -21.94
N ILE A 96 26.30 17.76 -20.82
CA ILE A 96 24.91 18.29 -20.82
C ILE A 96 24.89 19.66 -21.50
N HIS A 97 25.88 20.50 -21.18
CA HIS A 97 26.05 21.85 -21.75
C HIS A 97 25.90 21.79 -23.27
N HIS A 98 26.60 20.85 -23.92
CA HIS A 98 26.65 20.72 -25.41
C HIS A 98 25.28 20.24 -25.96
N TYR A 99 24.56 19.36 -25.24
CA TYR A 99 23.20 18.90 -25.65
C TYR A 99 22.23 20.09 -25.60
N ARG A 100 22.26 20.85 -24.52
CA ARG A 100 21.39 22.05 -24.34
C ARG A 100 21.71 23.08 -25.44
N GLU A 101 22.99 23.33 -25.73
CA GLU A 101 23.42 24.31 -26.76
C GLU A 101 22.86 23.89 -28.12
N GLN A 102 22.94 22.60 -28.48
CA GLN A 102 22.40 22.10 -29.76
C GLN A 102 20.90 22.40 -29.85
N ILE A 103 20.15 22.09 -28.78
CA ILE A 103 18.68 22.32 -28.73
C ILE A 103 18.39 23.82 -28.90
N LYS A 104 19.07 24.67 -28.13
CA LYS A 104 18.85 26.14 -28.23
C LYS A 104 19.12 26.58 -29.67
N ARG A 105 20.17 26.06 -30.30
CA ARG A 105 20.57 26.47 -31.67
C ARG A 105 19.46 26.05 -32.66
N VAL A 106 19.06 24.78 -32.64
CA VAL A 106 18.11 24.26 -33.67
C VAL A 106 16.73 24.90 -33.45
N LYS A 107 16.34 25.22 -32.21
CA LYS A 107 15.04 25.87 -31.88
C LYS A 107 15.15 27.39 -32.01
N ASP A 108 16.38 27.92 -32.10
CA ASP A 108 16.69 29.38 -32.07
C ASP A 108 15.96 30.05 -30.89
N SER A 109 16.07 29.48 -29.70
CA SER A 109 15.37 29.96 -28.48
C SER A 109 16.21 29.70 -27.23
N GLU A 110 16.15 30.62 -26.26
CA GLU A 110 16.82 30.50 -24.94
C GLU A 110 15.88 29.75 -23.99
N ASP A 111 14.60 29.64 -24.35
CA ASP A 111 13.53 29.17 -23.45
C ASP A 111 12.84 27.96 -24.10
N VAL A 112 13.53 26.81 -24.17
CA VAL A 112 12.99 25.53 -24.72
C VAL A 112 12.62 24.62 -23.55
N PRO A 113 11.37 24.07 -23.51
CA PRO A 113 10.98 23.11 -22.47
C PRO A 113 11.97 21.94 -22.38
N MET A 114 12.59 21.80 -21.22
CA MET A 114 13.61 20.76 -20.92
C MET A 114 13.51 20.32 -19.47
N VAL A 115 13.93 19.09 -19.22
CA VAL A 115 14.19 18.52 -17.87
C VAL A 115 15.60 17.95 -17.89
N LEU A 116 16.39 18.31 -16.89
CA LEU A 116 17.68 17.65 -16.61
C LEU A 116 17.40 16.35 -15.84
N VAL A 117 17.85 15.23 -16.36
CA VAL A 117 17.57 13.90 -15.75
C VAL A 117 18.92 13.29 -15.35
N GLY A 118 19.14 13.13 -14.05
CA GLY A 118 20.26 12.34 -13.50
C GLY A 118 19.85 10.90 -13.30
N ASN A 119 20.13 10.05 -14.28
CA ASN A 119 19.71 8.62 -14.28
C ASN A 119 20.72 7.77 -13.51
N LYS A 120 20.32 6.53 -13.21
CA LYS A 120 21.09 5.48 -12.49
C LYS A 120 21.24 5.87 -11.02
N CYS A 121 20.21 6.51 -10.43
CA CYS A 121 20.27 7.03 -9.03
C CYS A 121 20.16 5.86 -8.06
N ASP A 122 19.98 4.64 -8.57
CA ASP A 122 20.04 3.38 -7.80
C ASP A 122 21.49 3.09 -7.39
N LEU A 123 22.49 3.65 -8.08
CA LEU A 123 23.91 3.21 -7.93
C LEU A 123 24.52 3.80 -6.68
N PRO A 124 25.46 3.10 -6.00
CA PRO A 124 26.23 3.70 -4.91
C PRO A 124 27.41 4.54 -5.40
N SER A 125 27.73 4.42 -6.68
CA SER A 125 28.97 4.91 -7.35
C SER A 125 28.78 6.34 -7.86
N ARG A 126 27.98 7.14 -7.17
CA ARG A 126 27.71 8.56 -7.48
C ARG A 126 29.02 9.34 -7.62
N THR A 127 29.17 10.10 -8.71
CA THR A 127 30.25 11.09 -8.88
C THR A 127 29.69 12.49 -9.01
N VAL A 128 28.42 12.61 -9.43
CA VAL A 128 27.73 13.92 -9.61
C VAL A 128 26.78 14.11 -8.43
N ASP A 129 27.12 15.03 -7.52
CA ASP A 129 26.33 15.33 -6.31
C ASP A 129 25.01 15.94 -6.77
N THR A 130 23.93 15.62 -6.07
CA THR A 130 22.58 16.15 -6.37
C THR A 130 22.66 17.68 -6.44
N LYS A 131 23.42 18.31 -5.53
CA LYS A 131 23.54 19.80 -5.44
C LYS A 131 24.16 20.35 -6.73
N GLN A 132 25.23 19.72 -7.20
CA GLN A 132 25.97 20.06 -8.44
C GLN A 132 25.01 20.06 -9.63
N ALA A 133 24.19 19.01 -9.75
CA ALA A 133 23.22 18.88 -10.87
C ALA A 133 22.12 19.95 -10.71
N GLN A 134 21.63 20.16 -9.49
CA GLN A 134 20.54 21.12 -9.19
C GLN A 134 21.01 22.54 -9.50
N ASP A 135 22.25 22.87 -9.12
CA ASP A 135 22.88 24.19 -9.42
C ASP A 135 22.89 24.41 -10.94
N LEU A 136 23.32 23.41 -11.72
CA LEU A 136 23.41 23.58 -13.19
C LEU A 136 22.00 23.83 -13.74
N ALA A 137 21.04 22.99 -13.37
CA ALA A 137 19.62 23.10 -13.81
C ALA A 137 19.08 24.49 -13.45
N ARG A 138 19.29 24.94 -12.22
CA ARG A 138 18.78 26.25 -11.72
C ARG A 138 19.35 27.38 -12.60
N SER A 139 20.63 27.31 -12.94
CA SER A 139 21.32 28.32 -13.80
C SER A 139 20.66 28.37 -15.18
N TYR A 140 20.17 27.23 -15.69
CA TYR A 140 19.51 27.10 -17.01
C TYR A 140 18.03 27.47 -16.92
N GLY A 141 17.47 27.50 -15.72
CA GLY A 141 16.02 27.68 -15.49
C GLY A 141 15.23 26.45 -15.89
N ILE A 142 15.82 25.26 -15.77
CA ILE A 142 15.13 23.99 -16.12
C ILE A 142 15.03 23.13 -14.87
N PRO A 143 13.93 22.36 -14.74
CA PRO A 143 13.80 21.45 -13.59
C PRO A 143 14.79 20.28 -13.66
N PHE A 144 15.08 19.72 -12.49
CA PHE A 144 16.03 18.59 -12.31
C PHE A 144 15.32 17.45 -11.56
N ILE A 145 15.44 16.24 -12.07
CA ILE A 145 14.95 15.01 -11.38
C ILE A 145 15.99 13.89 -11.50
N GLU A 146 16.16 13.11 -10.44
CA GLU A 146 16.97 11.87 -10.46
C GLU A 146 16.01 10.71 -10.73
N THR A 147 16.46 9.81 -11.60
CA THR A 147 15.72 8.63 -12.06
C THR A 147 16.59 7.38 -11.91
N SER A 148 15.93 6.24 -11.82
CA SER A 148 16.51 4.92 -12.12
C SER A 148 15.59 4.20 -13.12
N ALA A 149 16.03 4.04 -14.36
CA ALA A 149 15.39 3.18 -15.36
C ALA A 149 15.37 1.74 -14.81
N LYS A 150 16.35 1.36 -13.99
CA LYS A 150 16.42 -0.02 -13.42
C LYS A 150 15.20 -0.30 -12.52
N THR A 151 14.90 0.61 -11.59
CA THR A 151 13.82 0.44 -10.58
C THR A 151 12.53 1.15 -11.01
N ARG A 152 12.63 1.97 -12.05
CA ARG A 152 11.53 2.84 -12.59
C ARG A 152 11.31 4.06 -11.70
N GLN A 153 12.18 4.31 -10.72
CA GLN A 153 12.09 5.50 -9.84
C GLN A 153 12.18 6.76 -10.71
N GLY A 154 11.20 7.67 -10.58
CA GLY A 154 11.21 9.00 -11.20
C GLY A 154 10.86 9.01 -12.68
N VAL A 155 10.57 7.86 -13.29
CA VAL A 155 10.40 7.77 -14.77
C VAL A 155 9.14 8.53 -15.19
N ASP A 156 7.99 8.19 -14.58
CA ASP A 156 6.71 8.88 -14.87
C ASP A 156 6.88 10.37 -14.58
N ASP A 157 7.46 10.74 -13.44
CA ASP A 157 7.58 12.16 -13.03
C ASP A 157 8.46 12.93 -14.02
N ALA A 158 9.51 12.33 -14.57
CA ALA A 158 10.40 13.02 -15.55
C ALA A 158 9.57 13.39 -16.79
N PHE A 159 8.81 12.43 -17.32
CA PHE A 159 8.01 12.63 -18.55
C PHE A 159 6.84 13.58 -18.26
N TYR A 160 6.16 13.42 -17.13
CA TYR A 160 5.02 14.31 -16.76
C TYR A 160 5.54 15.73 -16.55
N THR A 161 6.71 15.87 -15.94
CA THR A 161 7.34 17.18 -15.70
C THR A 161 7.61 17.83 -17.07
N LEU A 162 8.16 17.09 -18.03
CA LEU A 162 8.45 17.65 -19.37
C LEU A 162 7.14 18.14 -20.02
N VAL A 163 6.07 17.37 -19.92
CA VAL A 163 4.74 17.77 -20.48
C VAL A 163 4.26 19.05 -19.77
N ARG A 164 4.43 19.15 -18.45
CA ARG A 164 4.01 20.35 -17.68
C ARG A 164 4.89 21.54 -18.09
N GLU A 165 6.17 21.33 -18.33
CA GLU A 165 7.09 22.38 -18.86
C GLU A 165 6.61 22.87 -20.25
N ILE A 166 6.18 21.96 -21.11
CA ILE A 166 5.68 22.34 -22.46
C ILE A 166 4.43 23.20 -22.31
N ARG A 167 3.53 22.83 -21.38
CA ARG A 167 2.26 23.57 -21.13
C ARG A 167 2.58 25.00 -20.69
N LYS A 168 3.52 25.17 -19.77
CA LYS A 168 3.96 26.52 -19.32
C LYS A 168 4.34 27.42 -20.51
N HIS A 169 4.78 26.84 -21.63
CA HIS A 169 5.46 27.52 -22.77
C HIS A 169 4.53 27.61 -24.01
N LYS A 170 3.36 26.97 -23.99
CA LYS A 170 2.55 26.75 -25.22
C LYS A 170 1.69 27.99 -25.51
N HIS B 3 -20.12 0.31 20.53
CA HIS B 3 -19.61 0.97 19.27
C HIS B 3 -18.84 -0.06 18.42
N MET B 4 -17.90 -0.77 19.05
CA MET B 4 -17.15 -1.89 18.43
C MET B 4 -17.48 -3.17 19.21
N THR B 5 -17.37 -4.32 18.54
CA THR B 5 -17.59 -5.66 19.16
C THR B 5 -16.61 -5.81 20.32
N GLU B 6 -17.13 -6.25 21.48
CA GLU B 6 -16.33 -6.65 22.66
C GLU B 6 -16.35 -8.18 22.75
N TYR B 7 -15.18 -8.79 22.94
CA TYR B 7 -15.02 -10.24 23.13
C TYR B 7 -14.46 -10.47 24.54
N LYS B 8 -15.20 -11.20 25.37
CA LYS B 8 -14.79 -11.56 26.75
C LYS B 8 -13.96 -12.84 26.66
N LEU B 9 -12.67 -12.74 26.95
CA LEU B 9 -11.69 -13.85 26.83
C LEU B 9 -11.13 -14.19 28.20
N VAL B 10 -10.79 -15.46 28.41
CA VAL B 10 -10.24 -15.95 29.71
C VAL B 10 -9.01 -16.79 29.40
N VAL B 11 -7.89 -16.49 30.05
CA VAL B 11 -6.61 -17.24 29.91
C VAL B 11 -6.48 -18.11 31.16
N VAL B 12 -6.47 -19.44 30.96
CA VAL B 12 -6.41 -20.45 32.06
C VAL B 12 -5.25 -21.40 31.81
N GLY B 13 -4.89 -22.15 32.86
CA GLY B 13 -3.77 -23.11 32.85
C GLY B 13 -2.98 -23.03 34.14
N ALA B 14 -2.08 -23.99 34.36
CA ALA B 14 -1.29 -24.14 35.59
C ALA B 14 -0.45 -22.88 35.85
N GLY B 15 -0.17 -22.56 37.11
CA GLY B 15 0.82 -21.55 37.49
C GLY B 15 2.14 -21.80 36.78
N GLY B 16 2.77 -20.75 36.24
CA GLY B 16 4.13 -20.82 35.64
C GLY B 16 4.14 -21.14 34.15
N VAL B 17 2.99 -21.29 33.50
CA VAL B 17 2.93 -21.63 32.05
C VAL B 17 3.17 -20.38 31.21
N GLY B 18 2.84 -19.18 31.74
CA GLY B 18 3.10 -17.89 31.07
C GLY B 18 1.82 -17.16 30.68
N LYS B 19 0.72 -17.37 31.41
CA LYS B 19 -0.58 -16.70 31.16
C LYS B 19 -0.43 -15.17 31.29
N SER B 20 0.17 -14.72 32.40
CA SER B 20 0.39 -13.27 32.68
C SER B 20 1.30 -12.68 31.59
N ALA B 21 2.42 -13.34 31.29
CA ALA B 21 3.40 -12.91 30.27
C ALA B 21 2.73 -12.79 28.90
N LEU B 22 1.93 -13.80 28.53
CA LEU B 22 1.22 -13.85 27.22
C LEU B 22 0.26 -12.66 27.10
N THR B 23 -0.58 -12.45 28.12
CA THR B 23 -1.59 -11.37 28.15
C THR B 23 -0.89 -10.01 28.12
N ILE B 24 0.15 -9.82 28.93
CA ILE B 24 0.89 -8.53 29.02
C ILE B 24 1.57 -8.27 27.67
N GLN B 25 2.10 -9.31 27.03
CA GLN B 25 2.79 -9.18 25.73
C GLN B 25 1.76 -8.69 24.69
N LEU B 26 0.57 -9.28 24.65
CA LEU B 26 -0.49 -8.90 23.69
C LEU B 26 -0.91 -7.45 23.92
N ILE B 27 -1.18 -7.10 25.18
CA ILE B 27 -1.82 -5.80 25.57
C ILE B 27 -0.78 -4.69 25.49
N GLN B 28 0.39 -4.91 26.11
CA GLN B 28 1.37 -3.83 26.44
C GLN B 28 2.68 -3.98 25.65
N ASN B 29 2.88 -5.08 24.92
CA ASN B 29 4.00 -5.23 23.94
C ASN B 29 5.35 -5.23 24.66
N HIS B 30 5.44 -5.88 25.81
CA HIS B 30 6.71 -6.19 26.50
C HIS B 30 6.56 -7.52 27.26
N PHE B 31 7.71 -8.11 27.60
CA PHE B 31 7.82 -9.43 28.28
C PHE B 31 8.09 -9.16 29.77
N VAL B 32 7.09 -9.34 30.61
CA VAL B 32 7.24 -9.30 32.10
C VAL B 32 7.61 -10.72 32.54
N ASP B 33 8.81 -10.90 33.10
CA ASP B 33 9.32 -12.24 33.51
C ASP B 33 9.17 -12.40 35.03
N GLU B 34 8.72 -11.36 35.74
CA GLU B 34 8.43 -11.41 37.20
C GLU B 34 7.12 -10.68 37.48
N TYR B 35 6.00 -11.41 37.36
CA TYR B 35 4.62 -10.94 37.67
C TYR B 35 4.04 -11.84 38.76
N ASP B 36 3.59 -11.25 39.87
CA ASP B 36 3.09 -11.97 41.07
C ASP B 36 2.17 -13.10 40.59
N PRO B 37 2.50 -14.37 40.91
CA PRO B 37 1.79 -15.52 40.35
C PRO B 37 0.39 -15.71 40.93
N THR B 38 0.08 -15.01 42.03
CA THR B 38 -1.18 -15.14 42.80
C THR B 38 -2.19 -14.08 42.32
N ILE B 39 -1.77 -13.18 41.42
CA ILE B 39 -2.56 -11.96 41.05
C ILE B 39 -3.37 -12.20 39.77
N GLU B 40 -4.69 -12.04 39.87
CA GLU B 40 -5.67 -11.97 38.76
C GLU B 40 -5.84 -10.51 38.32
N ASP B 41 -5.94 -10.25 37.02
CA ASP B 41 -6.27 -8.90 36.51
C ASP B 41 -6.93 -9.05 35.13
N SER B 42 -7.84 -8.14 34.81
CA SER B 42 -8.48 -8.03 33.48
C SER B 42 -7.84 -6.88 32.72
N TYR B 43 -7.86 -6.96 31.40
CA TYR B 43 -7.27 -5.95 30.48
C TYR B 43 -8.27 -5.69 29.35
N ARG B 44 -8.40 -4.42 28.96
CA ARG B 44 -9.25 -3.97 27.83
C ARG B 44 -8.30 -3.39 26.78
N LYS B 45 -8.21 -4.05 25.61
CA LYS B 45 -7.32 -3.64 24.50
C LYS B 45 -8.13 -3.62 23.21
N GLN B 46 -8.04 -2.52 22.47
CA GLN B 46 -8.55 -2.40 21.08
C GLN B 46 -7.55 -3.05 20.14
N VAL B 47 -8.00 -3.99 19.30
CA VAL B 47 -7.13 -4.69 18.31
C VAL B 47 -7.91 -4.81 16.98
N VAL B 48 -7.20 -4.73 15.86
CA VAL B 48 -7.76 -4.97 14.50
C VAL B 48 -7.56 -6.46 14.15
N ILE B 49 -8.66 -7.21 14.00
CA ILE B 49 -8.64 -8.63 13.57
C ILE B 49 -9.45 -8.75 12.28
N ASP B 50 -8.82 -9.23 11.20
CA ASP B 50 -9.43 -9.41 9.87
C ASP B 50 -10.13 -8.11 9.48
N GLY B 51 -9.36 -7.01 9.49
CA GLY B 51 -9.81 -5.66 9.11
C GLY B 51 -11.00 -5.17 9.92
N GLU B 52 -11.10 -5.57 11.20
CA GLU B 52 -12.15 -5.09 12.13
C GLU B 52 -11.54 -4.80 13.51
N THR B 53 -11.62 -3.55 13.95
CA THR B 53 -11.23 -3.11 15.33
C THR B 53 -12.21 -3.74 16.32
N CYS B 54 -11.70 -4.56 17.24
CA CYS B 54 -12.44 -5.23 18.34
C CYS B 54 -11.87 -4.77 19.67
N LEU B 55 -12.67 -4.84 20.74
CA LEU B 55 -12.15 -4.71 22.12
C LEU B 55 -12.09 -6.09 22.77
N LEU B 56 -10.88 -6.53 23.12
CA LEU B 56 -10.64 -7.78 23.87
C LEU B 56 -10.68 -7.43 25.37
N ASP B 57 -11.70 -7.93 26.06
CA ASP B 57 -11.82 -7.92 27.53
C ASP B 57 -11.24 -9.26 28.00
N ILE B 58 -9.99 -9.25 28.50
CA ILE B 58 -9.22 -10.49 28.79
C ILE B 58 -9.03 -10.61 30.31
N LEU B 59 -9.36 -11.78 30.87
CA LEU B 59 -9.02 -12.10 32.28
C LEU B 59 -7.79 -13.02 32.29
N ASP B 60 -6.73 -12.54 32.92
CA ASP B 60 -5.53 -13.34 33.26
C ASP B 60 -5.79 -13.99 34.61
N THR B 61 -6.15 -15.27 34.63
CA THR B 61 -6.50 -16.01 35.87
C THR B 61 -5.21 -16.38 36.62
N ALA B 62 -5.31 -16.48 37.96
CA ALA B 62 -4.20 -16.82 38.87
C ALA B 62 -4.39 -18.23 39.40
N GLY B 63 -5.60 -18.55 39.85
CA GLY B 63 -5.98 -19.90 40.35
C GLY B 63 -7.42 -20.23 40.01
N GLN B 64 -7.85 -21.46 40.33
CA GLN B 64 -9.28 -21.90 40.23
C GLN B 64 -9.74 -22.42 41.60
N GLU B 65 -8.87 -22.36 42.62
CA GLU B 65 -9.08 -22.94 43.98
C GLU B 65 -9.67 -21.88 44.92
N GLU B 66 -8.97 -20.76 45.12
CA GLU B 66 -9.40 -19.62 45.97
C GLU B 66 -10.65 -18.97 45.35
N TYR B 67 -11.48 -18.31 46.16
CA TYR B 67 -12.70 -17.60 45.69
C TYR B 67 -12.29 -16.34 44.92
N SER B 68 -12.95 -16.10 43.78
CA SER B 68 -12.94 -14.80 43.05
C SER B 68 -14.29 -14.59 42.38
N ALA B 69 -15.03 -13.55 42.77
CA ALA B 69 -16.30 -13.14 42.14
C ALA B 69 -16.06 -12.86 40.65
N MET B 70 -15.01 -12.10 40.34
CA MET B 70 -14.66 -11.67 38.95
C MET B 70 -14.38 -12.91 38.09
N ARG B 71 -13.57 -13.85 38.59
CA ARG B 71 -13.20 -15.04 37.79
C ARG B 71 -14.46 -15.85 37.50
N ASP B 72 -15.29 -16.08 38.53
CA ASP B 72 -16.57 -16.81 38.41
C ASP B 72 -17.41 -16.15 37.30
N GLN B 73 -17.51 -14.81 37.32
CA GLN B 73 -18.25 -14.01 36.31
C GLN B 73 -17.68 -14.27 34.90
N TYR B 74 -16.35 -14.20 34.75
CA TYR B 74 -15.65 -14.36 33.44
C TYR B 74 -15.79 -15.81 32.94
N MET B 75 -15.75 -16.78 33.85
CA MET B 75 -15.90 -18.22 33.48
C MET B 75 -17.33 -18.45 32.96
N ARG B 76 -18.33 -17.91 33.65
CA ARG B 76 -19.77 -17.98 33.30
C ARG B 76 -20.05 -17.32 31.94
N THR B 77 -19.58 -16.08 31.74
CA THR B 77 -20.00 -15.21 30.61
C THR B 77 -18.88 -15.08 29.56
N GLY B 78 -17.69 -15.62 29.83
CA GLY B 78 -16.58 -15.63 28.85
C GLY B 78 -17.00 -16.28 27.55
N GLU B 79 -16.60 -15.69 26.40
CA GLU B 79 -16.99 -16.19 25.06
C GLU B 79 -15.94 -17.15 24.53
N GLY B 80 -14.69 -17.02 25.00
CA GLY B 80 -13.55 -17.80 24.50
C GLY B 80 -12.50 -18.00 25.56
N PHE B 81 -11.79 -19.14 25.50
CA PHE B 81 -10.78 -19.56 26.50
C PHE B 81 -9.48 -19.95 25.80
N LEU B 82 -8.35 -19.42 26.29
CA LEU B 82 -7.00 -19.95 25.99
C LEU B 82 -6.66 -20.92 27.11
N CYS B 83 -6.43 -22.18 26.76
CA CYS B 83 -5.96 -23.25 27.67
C CYS B 83 -4.45 -23.38 27.45
N VAL B 84 -3.66 -22.84 28.38
CA VAL B 84 -2.19 -22.63 28.20
C VAL B 84 -1.44 -23.67 29.04
N PHE B 85 -0.51 -24.37 28.40
CA PHE B 85 0.52 -25.20 29.07
C PHE B 85 1.89 -24.69 28.61
N ALA B 86 2.95 -25.06 29.32
CA ALA B 86 4.36 -24.80 28.93
C ALA B 86 4.89 -26.04 28.22
N ILE B 87 5.54 -25.90 27.07
CA ILE B 87 6.08 -27.04 26.27
C ILE B 87 7.26 -27.69 27.00
N ASN B 88 7.74 -27.09 28.09
CA ASN B 88 8.85 -27.65 28.91
C ASN B 88 8.31 -28.18 30.26
N ASN B 89 7.00 -28.35 30.41
CA ASN B 89 6.38 -28.79 31.70
C ASN B 89 5.23 -29.78 31.44
N THR B 90 5.54 -31.08 31.47
CA THR B 90 4.59 -32.19 31.15
C THR B 90 3.34 -32.10 32.04
N LYS B 91 3.53 -31.81 33.33
CA LYS B 91 2.43 -31.68 34.33
C LYS B 91 1.41 -30.65 33.82
N SER B 92 1.88 -29.47 33.38
CA SER B 92 0.99 -28.37 32.88
C SER B 92 0.20 -28.85 31.65
N PHE B 93 0.76 -29.76 30.85
CA PHE B 93 0.10 -30.33 29.65
C PHE B 93 -0.96 -31.35 30.12
N GLU B 94 -0.59 -32.19 31.09
CA GLU B 94 -1.48 -33.24 31.68
C GLU B 94 -2.68 -32.58 32.37
N ASP B 95 -2.52 -31.34 32.88
CA ASP B 95 -3.59 -30.60 33.58
C ASP B 95 -4.61 -30.03 32.58
N ILE B 96 -4.28 -29.95 31.29
CA ILE B 96 -5.13 -29.24 30.28
C ILE B 96 -6.55 -29.78 30.38
N HIS B 97 -6.73 -31.11 30.41
CA HIS B 97 -8.08 -31.74 30.36
C HIS B 97 -8.94 -31.20 31.52
N HIS B 98 -8.33 -30.96 32.69
CA HIS B 98 -9.03 -30.42 33.90
C HIS B 98 -9.55 -29.02 33.60
N TYR B 99 -8.73 -28.15 32.98
CA TYR B 99 -9.13 -26.77 32.61
C TYR B 99 -10.28 -26.84 31.61
N ARG B 100 -10.18 -27.74 30.61
CA ARG B 100 -11.23 -27.87 29.57
C ARG B 100 -12.51 -28.36 30.24
N GLU B 101 -12.44 -29.36 31.12
CA GLU B 101 -13.63 -29.96 31.79
C GLU B 101 -14.34 -28.91 32.64
N GLN B 102 -13.59 -28.06 33.35
CA GLN B 102 -14.16 -26.95 34.16
C GLN B 102 -14.98 -26.02 33.25
N ILE B 103 -14.41 -25.63 32.10
CA ILE B 103 -15.05 -24.70 31.13
C ILE B 103 -16.34 -25.35 30.60
N LYS B 104 -16.28 -26.62 30.20
CA LYS B 104 -17.47 -27.36 29.63
C LYS B 104 -18.56 -27.40 30.70
N ARG B 105 -18.20 -27.67 31.94
CA ARG B 105 -19.17 -27.75 33.06
C ARG B 105 -19.85 -26.40 33.27
N VAL B 106 -19.08 -25.30 33.41
CA VAL B 106 -19.66 -23.96 33.71
C VAL B 106 -20.50 -23.50 32.50
N LYS B 107 -20.07 -23.80 31.28
CA LYS B 107 -20.80 -23.43 30.04
C LYS B 107 -21.91 -24.44 29.73
N ASP B 108 -21.85 -25.63 30.34
CA ASP B 108 -22.77 -26.77 30.06
C ASP B 108 -22.80 -27.01 28.55
N SER B 109 -21.63 -27.16 27.93
CA SER B 109 -21.48 -27.26 26.46
C SER B 109 -20.20 -28.01 26.09
N GLU B 110 -20.26 -28.82 25.03
CA GLU B 110 -19.09 -29.50 24.41
C GLU B 110 -18.42 -28.56 23.40
N ASP B 111 -19.13 -27.52 22.97
CA ASP B 111 -18.69 -26.64 21.86
C ASP B 111 -18.45 -25.23 22.42
N VAL B 112 -17.39 -25.09 23.22
CA VAL B 112 -16.95 -23.76 23.75
C VAL B 112 -15.73 -23.31 22.94
N PRO B 113 -15.77 -22.09 22.35
CA PRO B 113 -14.61 -21.53 21.68
C PRO B 113 -13.37 -21.56 22.59
N MET B 114 -12.33 -22.21 22.10
CA MET B 114 -11.15 -22.59 22.91
C MET B 114 -9.97 -22.80 21.98
N VAL B 115 -8.78 -22.39 22.40
CA VAL B 115 -7.51 -22.70 21.69
C VAL B 115 -6.56 -23.34 22.71
N LEU B 116 -5.90 -24.41 22.30
CA LEU B 116 -4.79 -25.02 23.07
C LEU B 116 -3.51 -24.26 22.73
N VAL B 117 -2.87 -23.66 23.74
CA VAL B 117 -1.65 -22.84 23.58
C VAL B 117 -0.50 -23.54 24.31
N GLY B 118 0.50 -24.00 23.56
CA GLY B 118 1.81 -24.44 24.10
C GLY B 118 2.76 -23.28 24.13
N ASN B 119 2.93 -22.67 25.31
CA ASN B 119 3.75 -21.43 25.49
C ASN B 119 5.21 -21.82 25.75
N LYS B 120 6.11 -20.83 25.67
CA LYS B 120 7.58 -20.95 25.88
C LYS B 120 8.22 -21.71 24.73
N CYS B 121 7.72 -21.54 23.50
CA CYS B 121 8.21 -22.24 22.28
C CYS B 121 9.54 -21.65 21.83
N ASP B 122 9.98 -20.53 22.44
CA ASP B 122 11.33 -19.95 22.24
C ASP B 122 12.39 -20.87 22.85
N LEU B 123 12.00 -21.81 23.72
CA LEU B 123 12.91 -22.79 24.36
C LEU B 123 12.97 -24.07 23.53
N PRO B 124 14.15 -24.41 22.93
CA PRO B 124 14.28 -25.59 22.07
C PRO B 124 14.24 -26.94 22.82
N SER B 125 14.39 -26.92 24.15
CA SER B 125 14.30 -28.11 25.03
C SER B 125 12.87 -28.29 25.53
N ARG B 126 12.04 -28.98 24.75
CA ARG B 126 10.62 -29.26 25.06
C ARG B 126 10.53 -30.65 25.68
N THR B 127 9.55 -30.87 26.56
CA THR B 127 9.18 -32.21 27.12
C THR B 127 7.86 -32.66 26.51
N VAL B 128 7.06 -31.72 26.00
CA VAL B 128 5.77 -32.00 25.31
C VAL B 128 6.00 -31.84 23.80
N ASP B 129 6.01 -32.96 23.09
CA ASP B 129 6.10 -33.05 21.61
C ASP B 129 4.96 -32.23 20.99
N THR B 130 5.25 -31.60 19.86
CA THR B 130 4.29 -30.92 18.96
C THR B 130 3.16 -31.91 18.61
N LYS B 131 3.51 -33.17 18.32
CA LYS B 131 2.56 -34.25 17.97
C LYS B 131 1.59 -34.50 19.14
N GLN B 132 2.12 -34.64 20.37
CA GLN B 132 1.33 -34.88 21.61
C GLN B 132 0.22 -33.83 21.74
N ALA B 133 0.60 -32.55 21.67
CA ALA B 133 -0.32 -31.39 21.84
C ALA B 133 -1.33 -31.34 20.69
N GLN B 134 -0.88 -31.56 19.45
CA GLN B 134 -1.77 -31.52 18.25
C GLN B 134 -2.78 -32.65 18.35
N ASP B 135 -2.35 -33.84 18.79
CA ASP B 135 -3.24 -35.02 18.96
C ASP B 135 -4.36 -34.68 19.94
N LEU B 136 -4.01 -34.12 21.10
CA LEU B 136 -4.99 -33.75 22.15
C LEU B 136 -5.97 -32.71 21.59
N ALA B 137 -5.45 -31.64 20.98
CA ALA B 137 -6.27 -30.56 20.40
C ALA B 137 -7.24 -31.15 19.38
N ARG B 138 -6.77 -32.05 18.52
CA ARG B 138 -7.60 -32.66 17.45
C ARG B 138 -8.72 -33.50 18.09
N SER B 139 -8.42 -34.21 19.17
CA SER B 139 -9.42 -35.07 19.88
C SER B 139 -10.54 -34.20 20.45
N TYR B 140 -10.23 -32.94 20.80
CA TYR B 140 -11.18 -31.95 21.37
C TYR B 140 -11.90 -31.15 20.26
N GLY B 141 -11.40 -31.21 19.03
CA GLY B 141 -11.90 -30.37 17.91
C GLY B 141 -11.54 -28.91 18.10
N ILE B 142 -10.42 -28.61 18.75
CA ILE B 142 -9.95 -27.21 19.02
C ILE B 142 -8.60 -27.02 18.35
N PRO B 143 -8.30 -25.80 17.87
CA PRO B 143 -7.01 -25.51 17.23
C PRO B 143 -5.89 -25.51 18.29
N PHE B 144 -4.68 -25.83 17.85
CA PHE B 144 -3.42 -25.82 18.64
C PHE B 144 -2.46 -24.81 18.01
N ILE B 145 -1.92 -23.91 18.83
CA ILE B 145 -0.85 -22.96 18.40
C ILE B 145 0.23 -22.92 19.49
N GLU B 146 1.49 -22.79 19.08
CA GLU B 146 2.64 -22.61 19.99
C GLU B 146 2.97 -21.11 20.05
N THR B 147 3.30 -20.61 21.24
CA THR B 147 3.53 -19.17 21.51
C THR B 147 4.82 -18.99 22.31
N SER B 148 5.37 -17.78 22.23
CA SER B 148 6.42 -17.27 23.15
C SER B 148 6.02 -15.87 23.61
N ALA B 149 5.64 -15.73 24.88
CA ALA B 149 5.46 -14.42 25.55
C ALA B 149 6.76 -13.62 25.48
N LYS B 150 7.91 -14.29 25.37
CA LYS B 150 9.24 -13.65 25.35
C LYS B 150 9.49 -12.97 24.00
N THR B 151 9.31 -13.71 22.89
CA THR B 151 9.67 -13.23 21.53
C THR B 151 8.44 -12.68 20.80
N ARG B 152 7.23 -12.97 21.30
CA ARG B 152 5.90 -12.55 20.75
C ARG B 152 5.49 -13.49 19.60
N GLN B 153 6.28 -14.53 19.31
CA GLN B 153 5.93 -15.56 18.29
C GLN B 153 4.57 -16.13 18.67
N GLY B 154 3.62 -16.13 17.72
CA GLY B 154 2.30 -16.78 17.85
C GLY B 154 1.32 -16.05 18.76
N VAL B 155 1.72 -14.97 19.43
CA VAL B 155 0.87 -14.30 20.47
C VAL B 155 -0.36 -13.67 19.81
N ASP B 156 -0.19 -12.80 18.82
CA ASP B 156 -1.33 -12.20 18.08
C ASP B 156 -2.21 -13.32 17.50
N ASP B 157 -1.59 -14.31 16.85
CA ASP B 157 -2.28 -15.40 16.13
C ASP B 157 -3.10 -16.27 17.10
N ALA B 158 -2.60 -16.49 18.32
CA ALA B 158 -3.31 -17.24 19.38
C ALA B 158 -4.65 -16.56 19.68
N PHE B 159 -4.62 -15.25 19.96
CA PHE B 159 -5.82 -14.46 20.33
C PHE B 159 -6.70 -14.28 19.09
N TYR B 160 -6.12 -14.01 17.92
CA TYR B 160 -6.86 -13.87 16.64
C TYR B 160 -7.62 -15.18 16.35
N THR B 161 -6.94 -16.32 16.55
CA THR B 161 -7.52 -17.68 16.36
C THR B 161 -8.72 -17.86 17.32
N LEU B 162 -8.61 -17.44 18.58
CA LEU B 162 -9.73 -17.59 19.55
C LEU B 162 -10.91 -16.73 19.08
N VAL B 163 -10.66 -15.50 18.65
CA VAL B 163 -11.73 -14.58 18.19
C VAL B 163 -12.44 -15.23 17.00
N ARG B 164 -11.69 -15.84 16.07
CA ARG B 164 -12.27 -16.52 14.88
C ARG B 164 -13.10 -17.72 15.34
N GLU B 165 -12.65 -18.44 16.36
CA GLU B 165 -13.42 -19.56 16.96
C GLU B 165 -14.73 -19.01 17.52
N ILE B 166 -14.73 -17.81 18.11
CA ILE B 166 -15.96 -17.21 18.69
C ILE B 166 -16.90 -16.84 17.55
N ARG B 167 -16.36 -16.23 16.48
CA ARG B 167 -17.14 -15.79 15.29
C ARG B 167 -17.85 -16.99 14.64
N LYS B 168 -17.17 -18.13 14.52
CA LYS B 168 -17.71 -19.42 13.99
C LYS B 168 -18.88 -19.93 14.83
N HIS B 169 -18.80 -19.82 16.16
CA HIS B 169 -19.75 -20.42 17.14
C HIS B 169 -21.18 -19.98 16.82
N ALA C 2 2.98 7.82 -11.14
CA ALA C 2 1.96 8.77 -11.70
C ALA C 2 1.05 9.33 -10.59
N SER C 3 1.55 9.37 -9.34
CA SER C 3 0.74 9.62 -8.13
C SER C 3 0.24 11.07 -8.07
N ASN C 4 0.89 12.03 -8.74
CA ASN C 4 0.47 13.46 -8.70
C ASN C 4 -0.30 13.87 -9.95
N SER C 5 -0.58 12.93 -10.84
CA SER C 5 -1.49 13.08 -12.00
C SER C 5 -2.89 12.64 -11.56
N LEU C 6 -3.74 13.60 -11.19
CA LEU C 6 -5.06 13.37 -10.56
C LEU C 6 -6.16 13.94 -11.45
N GLU C 7 -7.29 13.24 -11.53
CA GLU C 7 -8.52 13.70 -12.24
C GLU C 7 -9.42 14.45 -11.25
N ILE C 8 -10.25 15.34 -11.79
CA ILE C 8 -11.24 16.15 -11.02
C ILE C 8 -12.04 15.22 -10.08
N GLU C 9 -12.54 14.09 -10.57
CA GLU C 9 -13.36 13.15 -9.75
C GLU C 9 -12.56 12.68 -8.52
N GLU C 10 -11.29 12.32 -8.71
CA GLU C 10 -10.39 11.86 -7.61
C GLU C 10 -10.24 12.94 -6.54
N LEU C 11 -10.12 14.20 -6.96
CA LEU C 11 -9.94 15.34 -6.04
C LEU C 11 -11.27 15.62 -5.31
N ALA C 12 -12.41 15.41 -5.97
CA ALA C 12 -13.74 15.59 -5.35
C ALA C 12 -13.97 14.49 -4.28
N ARG C 13 -13.64 13.23 -4.58
CA ARG C 13 -13.72 12.12 -3.59
C ARG C 13 -12.79 12.43 -2.41
N PHE C 14 -11.58 12.89 -2.69
CA PHE C 14 -10.61 13.31 -1.63
C PHE C 14 -11.26 14.36 -0.72
N ALA C 15 -11.92 15.36 -1.30
CA ALA C 15 -12.54 16.51 -0.57
C ALA C 15 -13.60 15.97 0.40
N VAL C 16 -14.50 15.12 -0.11
CA VAL C 16 -15.61 14.52 0.70
C VAL C 16 -15.01 13.70 1.85
N ASP C 17 -14.05 12.82 1.53
CA ASP C 17 -13.37 11.92 2.50
C ASP C 17 -12.70 12.76 3.58
N GLU C 18 -12.02 13.84 3.20
CA GLU C 18 -11.28 14.72 4.14
C GLU C 18 -12.27 15.49 5.02
N HIS C 19 -13.36 15.98 4.44
CA HIS C 19 -14.42 16.67 5.20
C HIS C 19 -15.01 15.69 6.22
N ASN C 20 -15.37 14.48 5.78
CA ASN C 20 -16.01 13.44 6.64
C ASN C 20 -15.11 13.17 7.85
N LYS C 21 -13.79 13.11 7.61
CA LYS C 21 -12.77 12.84 8.66
C LYS C 21 -12.70 14.03 9.62
N LYS C 22 -12.55 15.26 9.11
CA LYS C 22 -12.32 16.48 9.94
C LYS C 22 -13.56 16.78 10.80
N GLU C 23 -14.77 16.60 10.24
CA GLU C 23 -16.01 17.11 10.88
C GLU C 23 -16.83 15.94 11.43
N ASN C 24 -16.31 14.71 11.35
CA ASN C 24 -17.05 13.48 11.72
C ASN C 24 -18.43 13.52 11.04
N ALA C 25 -18.45 13.63 9.72
CA ALA C 25 -19.66 13.62 8.87
C ALA C 25 -19.70 12.34 8.04
N LEU C 26 -20.80 12.11 7.32
CA LEU C 26 -21.04 10.89 6.52
C LEU C 26 -21.58 11.28 5.14
N LEU C 27 -21.12 12.39 4.58
CA LEU C 27 -21.49 12.77 3.18
C LEU C 27 -21.08 11.65 2.24
N GLU C 28 -21.96 11.31 1.29
CA GLU C 28 -21.72 10.31 0.23
C GLU C 28 -21.60 11.03 -1.11
N PHE C 29 -20.42 11.02 -1.73
CA PHE C 29 -20.15 11.67 -3.03
C PHE C 29 -21.08 11.11 -4.11
N VAL C 30 -21.67 12.00 -4.91
CA VAL C 30 -22.50 11.60 -6.08
C VAL C 30 -21.73 11.96 -7.37
N ARG C 31 -21.38 13.23 -7.55
CA ARG C 31 -20.78 13.69 -8.82
C ARG C 31 -20.23 15.11 -8.65
N VAL C 32 -19.37 15.50 -9.59
CA VAL C 32 -18.89 16.90 -9.72
C VAL C 32 -19.85 17.64 -10.65
N VAL C 33 -20.22 18.87 -10.29
CA VAL C 33 -21.19 19.72 -11.06
C VAL C 33 -20.40 20.80 -11.79
N LYS C 34 -19.43 21.42 -11.13
CA LYS C 34 -18.53 22.45 -11.71
C LYS C 34 -17.11 22.23 -11.18
N ALA C 35 -16.10 22.55 -12.00
CA ALA C 35 -14.68 22.53 -11.58
C ALA C 35 -13.94 23.67 -12.27
N LYS C 36 -13.15 24.40 -11.50
CA LYS C 36 -12.17 25.38 -12.02
C LYS C 36 -10.81 24.92 -11.52
N GLU C 37 -9.85 24.74 -12.40
CA GLU C 37 -8.45 24.44 -11.97
C GLU C 37 -7.56 25.60 -12.41
N GLN C 38 -6.84 26.15 -11.44
CA GLN C 38 -5.92 27.30 -11.61
C GLN C 38 -4.52 26.78 -11.29
N TRP C 39 -3.68 26.60 -12.31
CA TRP C 39 -2.28 26.16 -12.13
C TRP C 39 -1.42 27.34 -11.67
N HIS C 40 -0.49 27.08 -10.76
CA HIS C 40 0.49 28.04 -10.21
C HIS C 40 1.87 27.44 -10.44
N PHE C 41 2.61 28.03 -11.37
CA PHE C 41 3.97 27.58 -11.76
C PHE C 41 5.01 28.49 -11.13
N ASP C 42 6.07 27.87 -10.65
CA ASP C 42 7.33 28.54 -10.28
C ASP C 42 8.44 27.56 -10.62
N TYR C 43 9.69 27.95 -10.43
CA TYR C 43 10.84 27.03 -10.62
C TYR C 43 10.58 25.75 -9.81
N GLN C 44 10.50 24.62 -10.51
CA GLN C 44 10.33 23.25 -9.94
C GLN C 44 9.05 23.17 -9.10
N GLN C 45 8.03 23.97 -9.42
CA GLN C 45 6.71 23.93 -8.75
C GLN C 45 5.62 23.86 -9.83
N TYR C 46 4.76 22.85 -9.73
CA TYR C 46 3.64 22.59 -10.65
C TYR C 46 2.43 22.41 -9.75
N ASN C 47 1.92 23.53 -9.21
CA ASN C 47 0.87 23.54 -8.15
C ASN C 47 -0.49 23.87 -8.78
N THR C 48 -1.57 23.43 -8.14
CA THR C 48 -2.95 23.65 -8.67
C THR C 48 -3.92 23.90 -7.53
N MET C 49 -4.73 24.96 -7.63
CA MET C 49 -5.93 25.16 -6.80
C MET C 49 -7.14 24.64 -7.57
N TYR C 50 -7.90 23.73 -6.96
CA TYR C 50 -9.15 23.17 -7.55
C TYR C 50 -10.35 23.75 -6.80
N TYR C 51 -11.20 24.46 -7.54
CA TYR C 51 -12.50 25.01 -7.08
C TYR C 51 -13.58 24.06 -7.57
N LEU C 52 -14.14 23.27 -6.67
CA LEU C 52 -15.06 22.16 -7.03
C LEU C 52 -16.44 22.44 -6.47
N THR C 53 -17.46 22.35 -7.31
CA THR C 53 -18.87 22.20 -6.87
C THR C 53 -19.26 20.74 -7.07
N LEU C 54 -19.67 20.08 -5.99
CA LEU C 54 -20.00 18.63 -6.04
C LEU C 54 -21.33 18.40 -5.34
N GLU C 55 -21.99 17.34 -5.76
CA GLU C 55 -23.24 16.85 -5.14
C GLU C 55 -22.88 15.67 -4.24
N ALA C 56 -23.38 15.69 -3.00
CA ALA C 56 -23.19 14.59 -2.03
C ALA C 56 -24.52 14.39 -1.27
N LYS C 57 -24.81 13.15 -0.91
CA LYS C 57 -26.00 12.81 -0.07
C LYS C 57 -25.65 13.11 1.39
N ASP C 58 -26.46 13.96 2.03
CA ASP C 58 -26.38 14.28 3.48
C ASP C 58 -27.69 13.85 4.14
N GLY C 59 -27.64 12.87 5.03
CA GLY C 59 -28.83 12.27 5.66
C GLY C 59 -29.91 11.96 4.63
N GLY C 60 -29.52 11.36 3.48
CA GLY C 60 -30.44 10.85 2.44
C GLY C 60 -30.93 11.93 1.49
N LYS C 61 -30.36 13.14 1.56
CA LYS C 61 -30.78 14.32 0.75
C LYS C 61 -29.59 14.81 -0.08
N LYS C 62 -29.72 14.79 -1.42
CA LYS C 62 -28.69 15.32 -2.35
C LYS C 62 -28.55 16.83 -2.14
N LYS C 63 -27.34 17.29 -1.81
CA LYS C 63 -27.01 18.72 -1.57
C LYS C 63 -25.75 19.09 -2.36
N LEU C 64 -25.59 20.38 -2.68
CA LEU C 64 -24.38 20.91 -3.36
C LEU C 64 -23.40 21.47 -2.34
N TYR C 65 -22.12 21.25 -2.58
CA TYR C 65 -20.99 21.70 -1.72
C TYR C 65 -19.95 22.37 -2.61
N GLU C 66 -19.32 23.43 -2.12
CA GLU C 66 -18.11 24.01 -2.75
C GLU C 66 -16.91 23.55 -1.93
N ALA C 67 -15.92 22.95 -2.61
CA ALA C 67 -14.66 22.51 -2.00
C ALA C 67 -13.49 23.17 -2.73
N LYS C 68 -12.44 23.51 -1.98
CA LYS C 68 -11.15 23.96 -2.53
C LYS C 68 -10.08 22.95 -2.10
N VAL C 69 -9.39 22.37 -3.07
CA VAL C 69 -8.29 21.40 -2.85
C VAL C 69 -7.03 22.01 -3.45
N TRP C 70 -5.98 22.09 -2.66
CA TRP C 70 -4.64 22.61 -3.04
C TRP C 70 -3.70 21.42 -3.26
N VAL C 71 -3.01 21.39 -4.40
CA VAL C 71 -2.10 20.29 -4.80
C VAL C 71 -0.73 20.91 -5.11
N LYS C 72 0.30 20.42 -4.46
CA LYS C 72 1.70 20.85 -4.70
C LYS C 72 2.44 19.65 -5.29
N ARG C 73 3.19 19.92 -6.36
CA ARG C 73 4.06 18.96 -7.07
C ARG C 73 5.38 19.69 -7.22
N GLN C 74 6.35 19.39 -6.36
CA GLN C 74 7.56 20.24 -6.22
C GLN C 74 8.79 19.33 -6.31
N LEU C 75 9.71 19.67 -7.20
CA LEU C 75 11.04 19.02 -7.25
C LEU C 75 11.99 19.70 -6.27
N ARG C 76 12.61 18.90 -5.42
CA ARG C 76 13.68 19.35 -4.47
C ARG C 76 14.78 18.29 -4.48
N MET C 77 16.01 18.73 -4.77
CA MET C 77 17.23 17.87 -4.77
C MET C 77 16.93 16.54 -5.46
N GLY C 78 16.32 16.61 -6.65
CA GLY C 78 16.18 15.50 -7.60
C GLY C 78 15.00 14.58 -7.28
N SER C 79 14.14 14.95 -6.33
CA SER C 79 13.00 14.11 -5.88
C SER C 79 11.68 14.89 -6.02
N MET C 80 10.64 14.25 -6.55
CA MET C 80 9.27 14.83 -6.61
C MET C 80 8.66 14.72 -5.21
N ASN C 81 8.15 15.84 -4.71
CA ASN C 81 7.45 15.98 -3.41
C ASN C 81 5.98 16.30 -3.70
N ASN C 82 5.05 15.45 -3.25
CA ASN C 82 3.59 15.60 -3.47
C ASN C 82 2.91 15.97 -2.17
N PHE C 83 1.95 16.88 -2.25
CA PHE C 83 1.11 17.36 -1.13
C PHE C 83 -0.29 17.65 -1.68
N LYS C 84 -1.33 17.18 -0.99
CA LYS C 84 -2.76 17.47 -1.26
C LYS C 84 -3.40 17.88 0.06
N GLU C 85 -4.21 18.94 0.11
CA GLU C 85 -5.00 19.27 1.32
C GLU C 85 -6.33 19.90 0.90
N LEU C 86 -7.39 19.49 1.60
CA LEU C 86 -8.70 20.17 1.59
C LEU C 86 -8.54 21.51 2.33
N GLN C 87 -8.70 22.62 1.62
CA GLN C 87 -8.60 23.99 2.20
C GLN C 87 -9.97 24.43 2.72
N GLU C 88 -11.04 24.06 2.06
CA GLU C 88 -12.39 24.55 2.41
C GLU C 88 -13.44 23.60 1.86
N PHE C 89 -14.50 23.39 2.65
CA PHE C 89 -15.67 22.55 2.30
C PHE C 89 -16.90 23.16 2.98
N LYS C 90 -17.85 23.68 2.20
CA LYS C 90 -19.05 24.39 2.71
C LYS C 90 -20.24 24.06 1.80
N PRO C 91 -21.47 23.96 2.34
CA PRO C 91 -22.66 23.82 1.49
C PRO C 91 -22.86 25.12 0.71
N VAL C 92 -23.43 25.02 -0.50
CA VAL C 92 -23.58 26.16 -1.45
C VAL C 92 -24.44 27.26 -0.81
N SER D 5 -11.47 -0.28 5.01
CA SER D 5 -10.59 -1.30 5.67
C SER D 5 -9.18 -1.23 5.05
N LEU D 6 -8.16 -1.00 5.88
CA LEU D 6 -6.72 -0.97 5.48
C LEU D 6 -6.33 -2.31 4.84
N GLU D 7 -6.80 -3.42 5.43
CA GLU D 7 -6.47 -4.80 5.00
C GLU D 7 -7.03 -5.07 3.59
N ILE D 8 -8.28 -4.68 3.33
CA ILE D 8 -8.97 -4.84 2.01
C ILE D 8 -8.21 -4.01 0.97
N GLU D 9 -7.81 -2.79 1.33
CA GLU D 9 -6.99 -1.89 0.47
C GLU D 9 -5.66 -2.58 0.15
N GLU D 10 -4.98 -3.14 1.16
CA GLU D 10 -3.71 -3.89 1.01
C GLU D 10 -3.90 -5.07 0.05
N LEU D 11 -5.01 -5.81 0.18
CA LEU D 11 -5.31 -6.98 -0.69
C LEU D 11 -5.52 -6.52 -2.14
N ALA D 12 -6.22 -5.40 -2.34
CA ALA D 12 -6.50 -4.83 -3.68
C ALA D 12 -5.18 -4.39 -4.33
N ARG D 13 -4.29 -3.75 -3.56
CA ARG D 13 -2.95 -3.33 -4.02
C ARG D 13 -2.16 -4.59 -4.38
N PHE D 14 -2.26 -5.65 -3.55
CA PHE D 14 -1.62 -6.96 -3.82
C PHE D 14 -2.11 -7.49 -5.17
N ALA D 15 -3.44 -7.47 -5.39
CA ALA D 15 -4.08 -8.00 -6.63
C ALA D 15 -3.50 -7.27 -7.85
N VAL D 16 -3.41 -5.95 -7.76
CA VAL D 16 -2.89 -5.08 -8.86
C VAL D 16 -1.42 -5.43 -9.13
N ASP D 17 -0.58 -5.50 -8.10
CA ASP D 17 0.87 -5.82 -8.22
C ASP D 17 1.05 -7.20 -8.86
N GLU D 18 0.22 -8.19 -8.45
CA GLU D 18 0.34 -9.59 -8.93
C GLU D 18 -0.10 -9.65 -10.39
N HIS D 19 -1.18 -8.94 -10.74
CA HIS D 19 -1.63 -8.77 -12.14
C HIS D 19 -0.50 -8.14 -12.98
N ASN D 20 0.09 -7.05 -12.49
CA ASN D 20 1.17 -6.29 -13.18
C ASN D 20 2.35 -7.23 -13.44
N LYS D 21 2.69 -8.04 -12.44
CA LYS D 21 3.76 -9.07 -12.48
C LYS D 21 3.47 -10.05 -13.62
N LYS D 22 2.29 -10.67 -13.61
CA LYS D 22 1.89 -11.77 -14.54
C LYS D 22 1.86 -11.24 -15.99
N GLU D 23 1.27 -10.08 -16.25
CA GLU D 23 0.83 -9.65 -17.61
C GLU D 23 1.80 -8.62 -18.21
N ASN D 24 2.85 -8.24 -17.49
CA ASN D 24 3.80 -7.17 -17.86
C ASN D 24 3.05 -5.83 -17.98
N ALA D 25 2.05 -5.61 -17.12
CA ALA D 25 1.26 -4.37 -17.07
C ALA D 25 1.78 -3.48 -15.94
N LEU D 26 1.32 -2.23 -15.89
CA LEU D 26 1.56 -1.32 -14.75
C LEU D 26 0.28 -0.53 -14.48
N LEU D 27 -0.80 -1.25 -14.13
CA LEU D 27 -2.02 -0.60 -13.57
C LEU D 27 -1.63 0.09 -12.27
N GLU D 28 -2.22 1.25 -12.03
CA GLU D 28 -2.04 2.06 -10.79
C GLU D 28 -3.35 1.99 -9.99
N PHE D 29 -3.29 1.35 -8.83
CA PHE D 29 -4.42 1.23 -7.87
C PHE D 29 -4.94 2.64 -7.54
N VAL D 30 -6.25 2.84 -7.64
CA VAL D 30 -6.91 4.12 -7.25
C VAL D 30 -7.66 3.89 -5.94
N ARG D 31 -8.62 2.95 -5.90
CA ARG D 31 -9.44 2.69 -4.69
C ARG D 31 -10.22 1.38 -4.83
N VAL D 32 -10.69 0.85 -3.70
CA VAL D 32 -11.62 -0.32 -3.67
C VAL D 32 -13.05 0.24 -3.82
N VAL D 33 -13.82 -0.28 -4.77
CA VAL D 33 -15.23 0.15 -5.06
C VAL D 33 -16.19 -0.78 -4.30
N LYS D 34 -15.99 -2.09 -4.39
CA LYS D 34 -16.82 -3.12 -3.68
C LYS D 34 -15.90 -4.26 -3.22
N ALA D 35 -16.29 -4.96 -2.15
CA ALA D 35 -15.57 -6.14 -1.63
C ALA D 35 -16.57 -7.10 -0.97
N LYS D 36 -16.49 -8.39 -1.31
CA LYS D 36 -17.19 -9.49 -0.63
C LYS D 36 -16.14 -10.46 -0.09
N GLU D 37 -16.33 -10.96 1.13
CA GLU D 37 -15.46 -11.97 1.79
C GLU D 37 -16.22 -13.30 1.91
N GLN D 38 -15.71 -14.36 1.27
CA GLN D 38 -16.24 -15.74 1.36
C GLN D 38 -15.29 -16.57 2.23
N TRP D 39 -15.65 -16.79 3.50
CA TRP D 39 -14.81 -17.54 4.47
C TRP D 39 -15.06 -19.04 4.32
N HIS D 40 -13.98 -19.83 4.34
CA HIS D 40 -14.01 -21.31 4.27
C HIS D 40 -13.31 -21.85 5.51
N PHE D 41 -14.07 -22.46 6.43
CA PHE D 41 -13.54 -23.00 7.70
C PHE D 41 -13.43 -24.52 7.58
N ASP D 42 -12.32 -25.05 8.06
CA ASP D 42 -12.11 -26.49 8.35
C ASP D 42 -11.31 -26.55 9.65
N TYR D 43 -11.02 -27.74 10.17
CA TYR D 43 -10.19 -27.87 11.38
C TYR D 43 -8.85 -27.15 11.14
N GLN D 44 -8.58 -26.12 11.94
CA GLN D 44 -7.30 -25.36 11.96
C GLN D 44 -7.08 -24.66 10.61
N GLN D 45 -8.17 -24.34 9.91
CA GLN D 45 -8.17 -23.62 8.62
C GLN D 45 -9.15 -22.45 8.70
N TYR D 46 -8.66 -21.24 8.41
CA TYR D 46 -9.44 -19.97 8.44
C TYR D 46 -9.16 -19.26 7.12
N ASN D 47 -9.75 -19.78 6.03
CA ASN D 47 -9.45 -19.37 4.64
C ASN D 47 -10.53 -18.40 4.14
N THR D 48 -10.17 -17.53 3.19
CA THR D 48 -11.06 -16.47 2.68
C THR D 48 -10.80 -16.27 1.18
N MET D 49 -11.85 -16.33 0.37
CA MET D 49 -11.85 -15.81 -1.02
C MET D 49 -12.35 -14.37 -0.98
N TYR D 50 -11.54 -13.43 -1.48
CA TYR D 50 -11.89 -11.99 -1.57
C TYR D 50 -12.29 -11.68 -3.01
N TYR D 51 -13.50 -11.14 -3.18
CA TYR D 51 -14.07 -10.66 -4.46
C TYR D 51 -14.02 -9.12 -4.45
N LEU D 52 -13.01 -8.56 -5.09
CA LEU D 52 -12.71 -7.10 -5.09
C LEU D 52 -13.11 -6.49 -6.43
N THR D 53 -13.91 -5.43 -6.38
CA THR D 53 -14.13 -4.50 -7.52
C THR D 53 -13.30 -3.26 -7.23
N LEU D 54 -12.29 -2.98 -8.04
CA LEU D 54 -11.36 -1.88 -7.75
C LEU D 54 -11.26 -0.98 -8.99
N GLU D 55 -10.90 0.28 -8.74
CA GLU D 55 -10.58 1.27 -9.79
C GLU D 55 -9.04 1.31 -9.89
N ALA D 56 -8.52 1.14 -11.10
CA ALA D 56 -7.08 1.29 -11.42
C ALA D 56 -6.90 2.05 -12.73
N LYS D 57 -5.75 2.69 -12.89
CA LYS D 57 -5.39 3.48 -14.10
C LYS D 57 -4.52 2.63 -15.03
N ASP D 58 -4.96 2.51 -16.27
CA ASP D 58 -4.19 1.94 -17.40
C ASP D 58 -3.71 3.11 -18.25
N GLY D 59 -2.42 3.45 -18.16
CA GLY D 59 -1.86 4.67 -18.79
C GLY D 59 -2.64 5.91 -18.38
N GLY D 60 -3.00 5.98 -17.09
CA GLY D 60 -3.66 7.16 -16.49
C GLY D 60 -5.17 7.12 -16.64
N LYS D 61 -5.70 6.20 -17.44
CA LYS D 61 -7.16 6.11 -17.68
C LYS D 61 -7.80 5.22 -16.61
N LYS D 62 -8.68 5.81 -15.78
CA LYS D 62 -9.33 5.08 -14.67
C LYS D 62 -10.29 4.04 -15.25
N LYS D 63 -10.14 2.76 -14.90
CA LYS D 63 -11.05 1.69 -15.35
C LYS D 63 -11.47 0.86 -14.13
N LEU D 64 -12.58 0.14 -14.23
CA LEU D 64 -13.03 -0.81 -13.16
C LEU D 64 -12.50 -2.21 -13.49
N TYR D 65 -12.08 -2.93 -12.45
CA TYR D 65 -11.50 -4.30 -12.53
C TYR D 65 -12.12 -5.17 -11.44
N GLU D 66 -12.33 -6.45 -11.73
CA GLU D 66 -12.76 -7.48 -10.74
C GLU D 66 -11.57 -8.39 -10.47
N ALA D 67 -11.19 -8.55 -9.20
CA ALA D 67 -10.06 -9.38 -8.75
C ALA D 67 -10.60 -10.42 -7.77
N LYS D 68 -10.07 -11.65 -7.85
CA LYS D 68 -10.38 -12.76 -6.93
C LYS D 68 -9.07 -13.14 -6.22
N VAL D 69 -9.00 -12.94 -4.90
CA VAL D 69 -7.78 -13.22 -4.09
C VAL D 69 -8.10 -14.31 -3.08
N TRP D 70 -7.34 -15.40 -3.12
CA TRP D 70 -7.44 -16.57 -2.20
C TRP D 70 -6.45 -16.39 -1.06
N VAL D 71 -6.92 -16.49 0.18
CA VAL D 71 -6.09 -16.33 1.42
C VAL D 71 -6.29 -17.57 2.30
N LYS D 72 -5.21 -18.28 2.60
CA LYS D 72 -5.18 -19.45 3.50
C LYS D 72 -4.49 -19.05 4.81
N ARG D 73 -5.16 -19.26 5.93
CA ARG D 73 -4.59 -19.16 7.30
C ARG D 73 -4.73 -20.54 7.95
N GLN D 74 -3.64 -21.31 8.05
CA GLN D 74 -3.70 -22.73 8.44
C GLN D 74 -2.71 -23.01 9.56
N LEU D 75 -3.20 -23.57 10.67
CA LEU D 75 -2.34 -24.05 11.78
C LEU D 75 -1.94 -25.48 11.46
N ARG D 76 -0.63 -25.76 11.48
CA ARG D 76 -0.07 -27.13 11.36
C ARG D 76 1.05 -27.29 12.40
N MET D 77 0.86 -28.22 13.35
CA MET D 77 1.87 -28.56 14.38
C MET D 77 2.27 -27.29 15.15
N GLY D 78 1.30 -26.43 15.43
CA GLY D 78 1.42 -25.29 16.35
C GLY D 78 1.94 -24.02 15.69
N SER D 79 2.09 -24.02 14.35
CA SER D 79 2.62 -22.89 13.55
C SER D 79 1.55 -22.40 12.57
N MET D 80 1.36 -21.09 12.50
CA MET D 80 0.38 -20.45 11.57
C MET D 80 1.09 -20.28 10.23
N ASN D 81 0.58 -20.96 9.19
CA ASN D 81 1.06 -20.85 7.79
C ASN D 81 0.12 -19.89 7.06
N ASN D 82 0.68 -18.85 6.44
CA ASN D 82 -0.08 -17.83 5.67
C ASN D 82 0.22 -17.98 4.18
N PHE D 83 -0.78 -17.80 3.34
CA PHE D 83 -0.65 -17.88 1.87
C PHE D 83 -1.71 -16.97 1.24
N LYS D 84 -1.30 -16.17 0.25
CA LYS D 84 -2.22 -15.34 -0.57
C LYS D 84 -1.79 -15.48 -2.03
N GLU D 85 -2.74 -15.62 -2.95
CA GLU D 85 -2.46 -15.68 -4.41
C GLU D 85 -3.68 -15.12 -5.17
N LEU D 86 -3.41 -14.31 -6.19
CA LEU D 86 -4.41 -13.81 -7.15
C LEU D 86 -4.93 -14.98 -7.99
N GLN D 87 -6.25 -15.22 -7.96
CA GLN D 87 -6.92 -16.27 -8.76
C GLN D 87 -7.30 -15.70 -10.13
N GLU D 88 -7.88 -14.49 -10.13
CA GLU D 88 -8.40 -13.85 -11.36
C GLU D 88 -8.28 -12.33 -11.24
N PHE D 89 -8.00 -11.66 -12.36
CA PHE D 89 -7.97 -10.18 -12.49
C PHE D 89 -8.44 -9.84 -13.91
N LYS D 90 -9.63 -9.21 -14.02
CA LYS D 90 -10.31 -8.94 -15.32
C LYS D 90 -10.83 -7.51 -15.34
N PRO D 91 -10.79 -6.82 -16.50
CA PRO D 91 -11.55 -5.57 -16.65
C PRO D 91 -13.04 -5.89 -16.46
N VAL D 92 -13.78 -5.00 -15.80
CA VAL D 92 -15.25 -5.19 -15.59
C VAL D 92 -15.92 -5.05 -16.94
N GLY D 93 -15.55 -4.00 -17.70
CA GLY D 93 -16.13 -3.68 -19.02
C GLY D 93 -17.39 -2.85 -18.87
N ASP D 94 -17.82 -2.21 -19.96
CA ASP D 94 -18.87 -1.15 -19.98
C ASP D 94 -20.23 -1.76 -19.63
N ALA D 95 -20.57 -2.92 -20.21
CA ALA D 95 -21.83 -3.67 -19.97
C ALA D 95 -21.98 -3.97 -18.47
N ALA D 96 -21.02 -4.71 -17.89
CA ALA D 96 -20.92 -4.98 -16.43
C ALA D 96 -20.59 -3.66 -15.71
N HIS D 102 -21.13 15.19 -17.97
CA HIS D 102 -19.94 16.08 -17.83
C HIS D 102 -20.25 17.21 -16.85
N HIS D 103 -19.21 17.76 -16.22
CA HIS D 103 -19.28 18.99 -15.39
C HIS D 103 -18.79 20.20 -16.20
N HIS D 104 -19.29 21.39 -15.85
CA HIS D 104 -18.76 22.71 -16.31
C HIS D 104 -17.29 22.80 -15.88
N HIS D 105 -16.37 23.12 -16.80
CA HIS D 105 -14.91 23.19 -16.52
C HIS D 105 -14.32 24.48 -17.10
N HIS D 106 -13.40 25.10 -16.35
CA HIS D 106 -12.53 26.23 -16.77
C HIS D 106 -11.16 26.09 -16.10
#